data_3HQU
#
_entry.id   3HQU
#
_cell.length_a   110.819
_cell.length_b   110.819
_cell.length_c   39.615
_cell.angle_alpha   90.000
_cell.angle_beta   90.000
_cell.angle_gamma   120.000
#
_symmetry.space_group_name_H-M   'P 63'
#
loop_
_entity.id
_entity.type
_entity.pdbx_description
1 polymer 'Egl nine homolog 1'
2 polymer 'Hypoxia-inducible factor 1 alpha'
3 non-polymer 'FE (II) ION'
4 non-polymer N-[(1-CHLORO-4-HYDROXYISOQUINOLIN-3-YL)CARBONYL]GLYCINE
5 water water
#
loop_
_entity_poly.entity_id
_entity_poly.type
_entity_poly.pdbx_seq_one_letter_code
_entity_poly.pdbx_strand_id
1 'polypeptide(L)'
;PNGQTKPLPALKLALEYIVPCMNKHGICVVDDFLGKETGQQIGDEVRALHDTGKFTDGQLVSQKSDSSKDIRGDKITWIE
GKEPGCETIGLLMSSMDDLIRHCNGKLGSYKINGRTKAMVACYPGNGTGYVRHVDNPNGDGRCVTCIYYLNKDWDAKVSG
GILRIFPEGKAQFADIEPKFDRLLFFWSDRRNPHEVQPAYATRYAITVWYFDADERARAKVKYLTGEKGVRVELNKPSDS
VGKDVF
;
A
2 'polypeptide(L)' DLEMLAPYIPMDDDFQL S
#
# COMPACT_ATOMS: atom_id res chain seq x y z
N LEU A 8 -1.58 6.07 19.72
CA LEU A 8 -1.49 7.56 19.69
C LEU A 8 -2.64 8.18 18.91
N PRO A 9 -3.06 9.40 19.31
CA PRO A 9 -4.15 10.07 18.61
C PRO A 9 -3.62 10.40 17.21
N ALA A 10 -4.45 10.20 16.19
CA ALA A 10 -4.02 10.44 14.80
C ALA A 10 -3.33 11.78 14.55
N LEU A 11 -3.96 12.87 15.00
CA LEU A 11 -3.41 14.22 14.83
C LEU A 11 -1.99 14.40 15.36
N LYS A 12 -1.69 13.72 16.46
CA LYS A 12 -0.37 13.80 17.06
C LYS A 12 0.58 12.97 16.21
N LEU A 13 0.13 11.78 15.84
CA LEU A 13 0.90 10.87 15.00
C LEU A 13 1.24 11.61 13.71
N ALA A 14 0.26 12.33 13.18
CA ALA A 14 0.43 13.09 11.95
C ALA A 14 1.38 14.28 12.10
N LEU A 15 1.07 15.19 13.02
CA LEU A 15 1.88 16.39 13.23
C LEU A 15 3.30 16.19 13.75
N GLU A 16 3.50 15.24 14.67
CA GLU A 16 4.85 15.05 15.22
C GLU A 16 5.68 13.97 14.53
N TYR A 17 5.03 13.18 13.68
CA TYR A 17 5.76 12.11 13.00
C TYR A 17 5.62 12.07 11.47
N ILE A 18 4.42 11.79 10.99
CA ILE A 18 4.14 11.69 9.56
C ILE A 18 4.65 12.86 8.73
N VAL A 19 4.11 14.05 9.01
CA VAL A 19 4.49 15.26 8.30
C VAL A 19 6.00 15.49 8.26
N PRO A 20 6.66 15.55 9.42
CA PRO A 20 8.11 15.77 9.33
C PRO A 20 8.90 14.64 8.64
N CYS A 21 8.55 13.39 8.88
CA CYS A 21 9.24 12.28 8.23
C CYS A 21 9.09 12.37 6.70
N MET A 22 7.86 12.53 6.24
CA MET A 22 7.55 12.63 4.80
C MET A 22 8.30 13.76 4.10
N ASN A 23 8.19 14.98 4.63
CA ASN A 23 8.85 16.12 4.03
C ASN A 23 10.36 15.99 4.10
N LYS A 24 10.82 15.16 5.04
CA LYS A 24 12.25 14.95 5.21
C LYS A 24 12.83 13.80 4.41
N HIS A 25 12.22 12.62 4.50
CA HIS A 25 12.71 11.45 3.80
C HIS A 25 11.84 10.97 2.66
N GLY A 26 10.56 11.32 2.68
CA GLY A 26 9.67 10.87 1.62
C GLY A 26 9.13 9.47 1.89
N ILE A 27 9.49 8.92 3.05
CA ILE A 27 9.08 7.58 3.48
C ILE A 27 8.85 7.59 4.98
N CYS A 28 7.75 7.01 5.44
CA CYS A 28 7.46 7.01 6.88
C CYS A 28 6.83 5.69 7.31
N VAL A 29 7.40 5.08 8.34
CA VAL A 29 6.89 3.81 8.84
C VAL A 29 6.29 3.94 10.23
N VAL A 30 5.07 3.41 10.39
CA VAL A 30 4.37 3.44 11.67
C VAL A 30 4.01 2.02 12.12
N ASP A 31 4.68 1.54 13.16
CA ASP A 31 4.42 0.20 13.68
C ASP A 31 3.29 0.20 14.70
N ASP A 32 2.61 -0.93 14.83
CA ASP A 32 1.50 -1.07 15.77
C ASP A 32 0.51 0.07 15.56
N PHE A 33 -0.02 0.17 14.34
CA PHE A 33 -0.95 1.23 14.00
C PHE A 33 -2.32 1.09 14.64
N LEU A 34 -2.90 -0.11 14.57
CA LEU A 34 -4.23 -0.32 15.12
C LEU A 34 -4.30 -1.28 16.31
N GLY A 35 -3.21 -1.97 16.61
CA GLY A 35 -3.21 -2.92 17.71
C GLY A 35 -3.60 -4.31 17.24
N LYS A 36 -3.27 -5.31 18.04
CA LYS A 36 -3.53 -6.70 17.71
C LYS A 36 -4.97 -7.11 17.37
N GLU A 37 -5.91 -6.77 18.26
CA GLU A 37 -7.32 -7.12 18.08
C GLU A 37 -7.91 -6.59 16.77
N THR A 38 -7.61 -5.34 16.44
CA THR A 38 -8.12 -4.75 15.21
C THR A 38 -7.29 -5.22 14.02
N GLY A 39 -5.98 -5.36 14.24
CA GLY A 39 -5.10 -5.83 13.18
C GLY A 39 -5.39 -7.27 12.81
N GLN A 40 -5.73 -8.07 13.82
CA GLN A 40 -6.02 -9.48 13.61
C GLN A 40 -7.34 -9.68 12.86
N GLN A 41 -8.32 -8.80 13.14
CA GLN A 41 -9.63 -8.87 12.48
C GLN A 41 -9.52 -8.50 11.00
N ILE A 42 -8.69 -7.50 10.70
CA ILE A 42 -8.45 -7.08 9.33
C ILE A 42 -7.85 -8.28 8.60
N GLY A 43 -6.93 -8.96 9.28
CA GLY A 43 -6.30 -10.13 8.71
C GLY A 43 -7.33 -11.18 8.35
N ASP A 44 -8.30 -11.39 9.25
CA ASP A 44 -9.33 -12.38 9.01
C ASP A 44 -10.23 -12.01 7.83
N GLU A 45 -10.64 -10.75 7.76
CA GLU A 45 -11.49 -10.31 6.65
C GLU A 45 -10.75 -10.47 5.34
N VAL A 46 -9.47 -10.09 5.34
CA VAL A 46 -8.65 -10.22 4.14
C VAL A 46 -8.53 -11.69 3.76
N ARG A 47 -8.25 -12.55 4.74
CA ARG A 47 -8.12 -13.97 4.47
C ARG A 47 -9.44 -14.61 4.06
N ALA A 48 -10.56 -14.04 4.48
CA ALA A 48 -11.88 -14.55 4.12
C ALA A 48 -12.11 -14.25 2.64
N LEU A 49 -11.78 -13.03 2.22
CA LEU A 49 -11.93 -12.64 0.82
C LEU A 49 -11.11 -13.60 -0.06
N HIS A 50 -9.93 -13.96 0.42
CA HIS A 50 -9.06 -14.87 -0.32
C HIS A 50 -9.66 -16.27 -0.42
N ASP A 51 -10.06 -16.83 0.71
CA ASP A 51 -10.62 -18.17 0.75
C ASP A 51 -11.96 -18.27 0.02
N THR A 52 -12.65 -17.14 -0.11
CA THR A 52 -13.93 -17.13 -0.82
C THR A 52 -13.78 -16.77 -2.29
N GLY A 53 -12.53 -16.60 -2.73
CA GLY A 53 -12.26 -16.28 -4.13
C GLY A 53 -12.54 -14.88 -4.64
N LYS A 54 -12.39 -13.88 -3.79
CA LYS A 54 -12.63 -12.50 -4.20
C LYS A 54 -11.42 -11.94 -4.95
N PHE A 55 -10.26 -12.55 -4.73
CA PHE A 55 -9.04 -12.13 -5.36
C PHE A 55 -8.92 -12.63 -6.80
N THR A 56 -8.11 -11.94 -7.59
CA THR A 56 -7.84 -12.33 -8.97
C THR A 56 -6.93 -13.55 -8.86
N ASP A 57 -6.55 -14.12 -10.00
CA ASP A 57 -5.69 -15.29 -10.00
C ASP A 57 -4.20 -14.97 -9.89
N GLY A 58 -3.84 -13.71 -10.03
CA GLY A 58 -2.44 -13.33 -9.94
C GLY A 58 -1.84 -12.80 -11.21
N GLN A 59 -0.94 -11.83 -11.08
CA GLN A 59 -0.28 -11.22 -12.23
C GLN A 59 0.49 -12.26 -13.04
N LEU A 60 0.28 -12.27 -14.36
CA LEU A 60 0.98 -13.22 -15.22
C LEU A 60 2.48 -12.88 -15.27
N VAL A 61 3.27 -13.72 -14.60
CA VAL A 61 4.72 -13.56 -14.50
C VAL A 61 5.44 -14.26 -15.65
N SER A 62 5.12 -15.52 -15.84
CA SER A 62 5.70 -16.29 -16.95
C SER A 62 4.54 -16.88 -17.74
N GLN A 63 4.37 -16.32 -18.93
CA GLN A 63 3.33 -16.62 -19.89
C GLN A 63 3.70 -17.58 -21.01
N LYS A 64 4.47 -18.61 -20.82
CA LYS A 64 4.77 -19.31 -22.06
C LYS A 64 4.01 -20.54 -22.55
N SER A 65 4.29 -20.85 -23.82
CA SER A 65 3.74 -21.96 -24.61
C SER A 65 2.72 -22.94 -23.98
N ASP A 66 3.12 -23.73 -23.00
CA ASP A 66 2.18 -24.59 -22.35
C ASP A 66 1.65 -23.94 -21.09
N SER A 67 0.58 -23.15 -21.22
CA SER A 67 -0.03 -22.42 -20.11
C SER A 67 -0.57 -23.20 -18.92
N SER A 68 -0.24 -24.48 -18.81
CA SER A 68 -0.73 -25.25 -17.67
C SER A 68 0.28 -24.91 -16.55
N LYS A 69 1.46 -24.46 -17.00
CA LYS A 69 2.54 -24.08 -16.09
C LYS A 69 2.83 -22.58 -16.17
N ASP A 70 1.79 -21.78 -16.32
CA ASP A 70 1.98 -20.33 -16.35
C ASP A 70 2.22 -19.97 -14.90
N ILE A 71 3.11 -19.01 -14.65
CA ILE A 71 3.33 -18.61 -13.27
C ILE A 71 2.68 -17.27 -13.02
N ARG A 72 1.83 -17.22 -12.00
CA ARG A 72 1.16 -15.99 -11.64
C ARG A 72 1.65 -15.54 -10.27
N GLY A 73 1.72 -14.24 -10.06
CA GLY A 73 2.18 -13.70 -8.80
C GLY A 73 1.09 -13.02 -7.98
N ASP A 74 1.36 -11.80 -7.54
CA ASP A 74 0.42 -11.05 -6.73
C ASP A 74 -1.01 -11.05 -7.24
N LYS A 75 -1.93 -11.36 -6.32
CA LYS A 75 -3.35 -11.41 -6.58
C LYS A 75 -3.91 -10.16 -5.90
N ILE A 76 -4.96 -9.57 -6.49
CA ILE A 76 -5.55 -8.37 -5.93
C ILE A 76 -7.07 -8.37 -6.00
N THR A 77 -7.66 -7.40 -5.31
CA THR A 77 -9.11 -7.16 -5.28
C THR A 77 -9.30 -5.74 -4.75
N TRP A 78 -10.20 -5.00 -5.40
CA TRP A 78 -10.49 -3.62 -5.00
C TRP A 78 -11.60 -3.59 -3.98
N ILE A 79 -11.34 -2.97 -2.84
CA ILE A 79 -12.31 -2.87 -1.75
C ILE A 79 -12.69 -1.43 -1.49
N GLU A 80 -14.00 -1.20 -1.43
CA GLU A 80 -14.57 0.11 -1.20
C GLU A 80 -14.69 0.39 0.31
N GLY A 81 -14.75 -0.68 1.10
CA GLY A 81 -14.84 -0.55 2.55
C GLY A 81 -16.23 -0.71 3.15
N LYS A 82 -17.26 -0.68 2.31
CA LYS A 82 -18.64 -0.82 2.76
C LYS A 82 -19.16 -2.22 2.42
N GLU A 83 -18.31 -3.08 1.85
CA GLU A 83 -18.74 -4.43 1.50
C GLU A 83 -18.92 -5.24 2.78
N PRO A 84 -19.93 -6.14 2.80
CA PRO A 84 -20.16 -6.98 3.99
C PRO A 84 -18.95 -7.88 4.25
N GLY A 85 -18.53 -7.98 5.51
CA GLY A 85 -17.38 -8.80 5.83
C GLY A 85 -16.07 -8.06 5.58
N CYS A 86 -16.17 -6.75 5.37
CA CYS A 86 -15.02 -5.88 5.13
C CYS A 86 -15.09 -4.64 6.01
N GLU A 87 -15.91 -4.70 7.06
CA GLU A 87 -16.09 -3.56 7.97
C GLU A 87 -14.79 -3.03 8.56
N THR A 88 -13.96 -3.93 9.07
CA THR A 88 -12.70 -3.54 9.68
C THR A 88 -11.75 -2.96 8.64
N ILE A 89 -11.84 -3.46 7.41
CA ILE A 89 -11.00 -2.95 6.34
C ILE A 89 -11.48 -1.53 6.12
N GLY A 90 -12.81 -1.37 6.11
CA GLY A 90 -13.41 -0.05 5.96
C GLY A 90 -12.93 0.86 7.09
N LEU A 91 -12.77 0.29 8.28
CA LEU A 91 -12.30 1.05 9.43
C LEU A 91 -10.85 1.50 9.25
N LEU A 92 -10.05 0.65 8.63
CA LEU A 92 -8.64 0.95 8.37
C LEU A 92 -8.54 2.13 7.40
N MET A 93 -9.39 2.11 6.38
CA MET A 93 -9.42 3.15 5.37
C MET A 93 -9.81 4.49 6.01
N SER A 94 -10.75 4.46 6.94
CA SER A 94 -11.17 5.68 7.61
C SER A 94 -10.05 6.19 8.51
N SER A 95 -9.29 5.26 9.07
CA SER A 95 -8.18 5.63 9.94
C SER A 95 -7.05 6.24 9.13
N MET A 96 -6.82 5.72 7.93
CA MET A 96 -5.79 6.27 7.05
C MET A 96 -6.26 7.67 6.63
N ASP A 97 -7.55 7.78 6.31
CA ASP A 97 -8.11 9.06 5.89
C ASP A 97 -7.95 10.14 6.96
N ASP A 98 -8.21 9.81 8.23
CA ASP A 98 -8.06 10.77 9.31
C ASP A 98 -6.64 11.31 9.42
N LEU A 99 -5.65 10.42 9.32
CA LEU A 99 -4.24 10.81 9.39
C LEU A 99 -3.90 11.77 8.25
N ILE A 100 -4.28 11.39 7.03
CA ILE A 100 -4.02 12.23 5.87
C ILE A 100 -4.73 13.57 6.09
N ARG A 101 -6.00 13.49 6.46
CA ARG A 101 -6.82 14.68 6.72
C ARG A 101 -6.09 15.65 7.68
N HIS A 102 -5.55 15.10 8.76
CA HIS A 102 -4.82 15.91 9.74
C HIS A 102 -3.53 16.49 9.17
N CYS A 103 -3.04 15.90 8.07
CA CYS A 103 -1.82 16.36 7.43
C CYS A 103 -2.15 17.39 6.36
N ASN A 104 -3.34 17.99 6.43
CA ASN A 104 -3.76 18.95 5.42
C ASN A 104 -2.86 20.16 5.24
N GLY A 105 -2.27 20.28 4.05
CA GLY A 105 -1.42 21.40 3.74
C GLY A 105 -0.02 21.34 4.32
N LYS A 106 0.37 20.16 4.81
CA LYS A 106 1.69 20.01 5.39
C LYS A 106 2.56 18.99 4.69
N LEU A 107 1.95 18.13 3.87
CA LEU A 107 2.70 17.13 3.11
C LEU A 107 3.08 17.86 1.83
N GLY A 108 4.31 18.38 1.77
CA GLY A 108 4.73 19.15 0.62
C GLY A 108 3.76 20.30 0.43
N SER A 109 3.50 20.67 -0.82
CA SER A 109 2.56 21.75 -1.12
C SER A 109 1.28 21.14 -1.70
N TYR A 110 1.12 19.84 -1.47
CA TYR A 110 -0.04 19.12 -1.95
C TYR A 110 -1.30 19.42 -1.16
N LYS A 111 -2.43 19.24 -1.81
CA LYS A 111 -3.74 19.43 -1.22
C LYS A 111 -4.53 18.19 -1.60
N ILE A 112 -4.56 17.21 -0.70
CA ILE A 112 -5.25 15.96 -0.95
C ILE A 112 -6.76 16.10 -0.83
N ASN A 113 -7.46 15.82 -1.91
CA ASN A 113 -8.91 15.94 -1.96
C ASN A 113 -9.59 14.58 -2.07
N GLY A 114 -8.81 13.53 -2.27
CA GLY A 114 -9.42 12.21 -2.40
C GLY A 114 -8.44 11.07 -2.49
N ARG A 115 -8.99 9.86 -2.59
CA ARG A 115 -8.17 8.67 -2.66
C ARG A 115 -8.82 7.63 -3.55
N THR A 116 -8.09 6.55 -3.79
CA THR A 116 -8.57 5.43 -4.58
C THR A 116 -9.26 4.50 -3.62
N LYS A 117 -9.84 3.44 -4.15
CA LYS A 117 -10.43 2.42 -3.30
C LYS A 117 -9.18 1.71 -2.75
N ALA A 118 -9.36 0.81 -1.79
CA ALA A 118 -8.24 0.08 -1.25
C ALA A 118 -7.91 -1.09 -2.17
N MET A 119 -6.63 -1.24 -2.50
CA MET A 119 -6.23 -2.38 -3.31
C MET A 119 -5.60 -3.40 -2.36
N VAL A 120 -6.28 -4.53 -2.19
CA VAL A 120 -5.75 -5.58 -1.32
C VAL A 120 -4.92 -6.56 -2.15
N ALA A 121 -3.67 -6.75 -1.77
CA ALA A 121 -2.80 -7.65 -2.50
C ALA A 121 -2.34 -8.83 -1.68
N CYS A 122 -2.23 -9.98 -2.35
CA CYS A 122 -1.79 -11.22 -1.75
C CYS A 122 -0.71 -11.89 -2.59
N TYR A 123 0.54 -11.77 -2.19
CA TYR A 123 1.61 -12.45 -2.88
C TYR A 123 1.44 -13.85 -2.27
N PRO A 124 1.03 -14.84 -3.08
CA PRO A 124 0.77 -16.23 -2.69
C PRO A 124 1.89 -17.04 -2.02
N GLY A 125 3.13 -16.59 -2.14
CA GLY A 125 4.22 -17.29 -1.51
C GLY A 125 4.91 -18.30 -2.41
N ASN A 126 4.76 -18.15 -3.73
CA ASN A 126 5.38 -19.06 -4.68
C ASN A 126 6.65 -18.49 -5.29
N GLY A 127 7.33 -17.64 -4.54
CA GLY A 127 8.57 -17.05 -5.01
C GLY A 127 8.43 -15.85 -5.93
N THR A 128 7.22 -15.37 -6.10
CA THR A 128 7.01 -14.21 -6.97
C THR A 128 7.15 -12.93 -6.16
N GLY A 129 7.53 -11.85 -6.84
CA GLY A 129 7.67 -10.57 -6.17
C GLY A 129 7.06 -9.54 -7.08
N TYR A 130 7.64 -8.34 -7.09
CA TYR A 130 7.15 -7.29 -7.94
C TYR A 130 8.33 -6.49 -8.45
N VAL A 131 8.46 -6.40 -9.77
CA VAL A 131 9.57 -5.67 -10.35
C VAL A 131 9.68 -4.25 -9.85
N ARG A 132 10.88 -3.70 -9.96
CA ARG A 132 11.16 -2.33 -9.56
C ARG A 132 10.24 -1.40 -10.37
N HIS A 133 9.57 -0.48 -9.71
CA HIS A 133 8.66 0.42 -10.42
C HIS A 133 8.41 1.71 -9.65
N VAL A 134 7.70 2.63 -10.31
CA VAL A 134 7.29 3.89 -9.73
C VAL A 134 5.77 3.77 -9.77
N ASP A 135 5.10 3.97 -8.64
CA ASP A 135 3.64 3.85 -8.61
C ASP A 135 2.97 4.78 -9.61
N ASN A 136 3.32 6.06 -9.57
CA ASN A 136 2.75 7.05 -10.49
C ASN A 136 3.85 7.83 -11.19
N PRO A 137 4.37 7.27 -12.30
CA PRO A 137 5.44 7.86 -13.11
C PRO A 137 4.98 8.92 -14.10
N ASN A 138 3.69 8.93 -14.45
CA ASN A 138 3.18 9.90 -15.42
C ASN A 138 2.14 10.91 -14.92
N GLY A 139 2.29 11.39 -13.70
CA GLY A 139 1.36 12.37 -13.15
C GLY A 139 -0.13 12.10 -13.28
N ASP A 140 -0.60 10.97 -12.75
CA ASP A 140 -2.02 10.68 -12.82
C ASP A 140 -2.76 11.24 -11.62
N GLY A 141 -2.04 11.96 -10.76
CA GLY A 141 -2.67 12.56 -9.58
C GLY A 141 -2.29 11.96 -8.24
N ARG A 142 -1.85 10.72 -8.23
CA ARG A 142 -1.49 10.08 -6.97
C ARG A 142 -0.19 10.62 -6.43
N CYS A 143 -0.24 11.26 -5.25
CA CYS A 143 0.95 11.85 -4.67
C CYS A 143 1.50 11.06 -3.49
N VAL A 144 0.62 10.38 -2.76
CA VAL A 144 1.05 9.60 -1.60
C VAL A 144 0.51 8.18 -1.62
N THR A 145 1.40 7.21 -1.37
CA THR A 145 1.01 5.79 -1.32
C THR A 145 0.96 5.40 0.14
N CYS A 146 -0.08 4.67 0.52
CA CYS A 146 -0.25 4.22 1.89
C CYS A 146 -0.49 2.72 1.91
N ILE A 147 0.38 1.98 2.60
CA ILE A 147 0.24 0.54 2.67
C ILE A 147 0.15 0.04 4.10
N TYR A 148 -0.80 -0.85 4.35
CA TYR A 148 -0.96 -1.45 5.66
C TYR A 148 -0.64 -2.93 5.55
N TYR A 149 0.31 -3.41 6.35
CA TYR A 149 0.69 -4.83 6.31
C TYR A 149 0.04 -5.63 7.45
N LEU A 150 -0.30 -6.88 7.17
CA LEU A 150 -0.92 -7.73 8.17
C LEU A 150 -0.34 -9.14 8.27
N ASN A 151 0.99 -9.24 8.30
CA ASN A 151 1.62 -10.55 8.37
C ASN A 151 2.31 -10.84 9.69
N LYS A 152 1.65 -11.67 10.50
CA LYS A 152 2.15 -12.06 11.81
C LYS A 152 3.48 -12.79 11.77
N ASP A 153 4.34 -12.44 12.73
CA ASP A 153 5.66 -13.05 12.83
C ASP A 153 6.31 -13.29 11.48
N TRP A 154 6.30 -12.25 10.65
CA TRP A 154 6.91 -12.36 9.34
C TRP A 154 8.42 -12.23 9.51
N ASP A 155 9.14 -13.21 8.98
CA ASP A 155 10.59 -13.24 9.07
C ASP A 155 11.14 -13.22 7.64
N ALA A 156 11.57 -12.04 7.21
CA ALA A 156 12.09 -11.86 5.86
C ALA A 156 13.28 -12.76 5.55
N LYS A 157 14.04 -13.13 6.58
CA LYS A 157 15.21 -13.96 6.38
C LYS A 157 14.84 -15.31 5.77
N VAL A 158 13.65 -15.81 6.05
CA VAL A 158 13.24 -17.09 5.48
C VAL A 158 12.08 -16.99 4.49
N SER A 159 11.21 -15.98 4.68
CA SER A 159 10.07 -15.81 3.80
C SER A 159 10.27 -14.76 2.71
N GLY A 160 11.33 -13.97 2.82
CA GLY A 160 11.55 -12.92 1.83
C GLY A 160 10.46 -11.87 1.88
N GLY A 161 10.05 -11.38 0.71
CA GLY A 161 8.99 -10.39 0.65
C GLY A 161 9.28 -9.00 1.18
N ILE A 162 10.54 -8.63 1.21
CA ILE A 162 10.95 -7.30 1.67
C ILE A 162 10.51 -6.28 0.62
N LEU A 163 10.12 -5.10 1.09
CA LEU A 163 9.75 -4.01 0.19
C LEU A 163 11.03 -3.18 0.13
N ARG A 164 11.67 -3.10 -1.04
CA ARG A 164 12.87 -2.30 -1.14
C ARG A 164 12.60 -1.02 -1.90
N ILE A 165 12.84 0.10 -1.23
CA ILE A 165 12.63 1.41 -1.81
C ILE A 165 13.99 2.02 -2.10
N PHE A 166 14.14 2.62 -3.27
CA PHE A 166 15.39 3.25 -3.66
C PHE A 166 15.18 4.77 -3.72
N PRO A 167 15.31 5.47 -2.57
CA PRO A 167 15.12 6.93 -2.59
C PRO A 167 16.06 7.57 -3.61
N GLU A 168 15.51 8.45 -4.44
CA GLU A 168 16.22 9.11 -5.53
C GLU A 168 17.51 9.87 -5.25
N GLY A 169 17.50 10.77 -4.27
CA GLY A 169 18.71 11.50 -3.95
C GLY A 169 19.52 10.70 -2.94
N LYS A 170 19.73 9.41 -3.25
CA LYS A 170 20.44 8.49 -2.36
C LYS A 170 21.09 7.29 -3.04
N ALA A 171 22.23 6.85 -2.48
CA ALA A 171 22.97 5.72 -3.02
C ALA A 171 22.42 4.43 -2.43
N GLN A 172 22.00 4.50 -1.17
CA GLN A 172 21.43 3.35 -0.48
C GLN A 172 19.94 3.15 -0.77
N PHE A 173 19.38 2.06 -0.24
CA PHE A 173 17.97 1.79 -0.38
C PHE A 173 17.41 1.43 0.98
N ALA A 174 16.08 1.53 1.12
CA ALA A 174 15.43 1.23 2.40
C ALA A 174 14.66 -0.07 2.32
N ASP A 175 14.96 -0.98 3.23
CA ASP A 175 14.29 -2.28 3.29
C ASP A 175 13.24 -2.28 4.39
N ILE A 176 11.99 -2.48 3.97
CA ILE A 176 10.86 -2.49 4.88
C ILE A 176 10.17 -3.84 4.84
N GLU A 177 10.11 -4.50 5.99
CA GLU A 177 9.47 -5.78 6.08
C GLU A 177 7.96 -5.58 6.23
N PRO A 178 7.16 -6.43 5.54
CA PRO A 178 5.70 -6.38 5.57
C PRO A 178 5.13 -6.86 6.90
N LYS A 179 5.61 -6.28 8.00
CA LYS A 179 5.16 -6.68 9.33
C LYS A 179 3.71 -6.40 9.69
N PHE A 180 3.18 -7.25 10.56
CA PHE A 180 1.81 -7.18 11.05
C PHE A 180 1.57 -5.83 11.74
N ASP A 181 0.44 -5.22 11.43
CA ASP A 181 0.04 -3.93 11.99
C ASP A 181 0.98 -2.75 11.64
N ARG A 182 1.76 -2.89 10.57
CA ARG A 182 2.65 -1.80 10.16
C ARG A 182 1.99 -0.93 9.08
N LEU A 183 2.09 0.39 9.23
CA LEU A 183 1.51 1.31 8.25
C LEU A 183 2.65 2.07 7.59
N LEU A 184 2.62 2.20 6.26
CA LEU A 184 3.68 2.89 5.53
C LEU A 184 3.22 4.00 4.58
N PHE A 185 4.01 5.06 4.51
CA PHE A 185 3.73 6.20 3.63
C PHE A 185 4.95 6.55 2.78
N PHE A 186 4.73 6.86 1.51
CA PHE A 186 5.82 7.29 0.65
C PHE A 186 5.32 8.00 -0.60
N TRP A 187 6.05 9.02 -1.05
CA TRP A 187 5.69 9.78 -2.24
C TRP A 187 5.52 8.76 -3.37
N SER A 188 4.41 8.85 -4.10
CA SER A 188 4.09 7.94 -5.19
C SER A 188 4.85 8.17 -6.50
N ASP A 189 5.50 9.32 -6.64
CA ASP A 189 6.19 9.59 -7.89
C ASP A 189 7.61 9.05 -8.04
N ARG A 190 8.35 9.61 -9.00
CA ARG A 190 9.72 9.19 -9.30
C ARG A 190 10.69 9.18 -8.13
N ARG A 191 10.36 9.90 -7.07
CA ARG A 191 11.24 9.97 -5.92
C ARG A 191 11.39 8.60 -5.25
N ASN A 192 10.40 7.73 -5.38
CA ASN A 192 10.50 6.42 -4.73
C ASN A 192 10.35 5.17 -5.60
N PRO A 193 11.37 4.85 -6.41
CA PRO A 193 11.21 3.63 -7.22
C PRO A 193 11.29 2.53 -6.17
N HIS A 194 10.53 1.47 -6.31
CA HIS A 194 10.58 0.41 -5.31
C HIS A 194 10.26 -0.94 -5.92
N GLU A 195 10.45 -1.98 -5.14
CA GLU A 195 10.21 -3.32 -5.62
C GLU A 195 9.88 -4.24 -4.44
N VAL A 196 9.16 -5.31 -4.72
CA VAL A 196 8.82 -6.28 -3.70
C VAL A 196 9.64 -7.54 -3.97
N GLN A 197 10.54 -7.87 -3.06
CA GLN A 197 11.35 -9.06 -3.27
C GLN A 197 10.51 -10.33 -3.19
N PRO A 198 10.91 -11.37 -3.93
CA PRO A 198 10.22 -12.66 -3.99
C PRO A 198 9.71 -13.14 -2.62
N ALA A 199 8.44 -13.54 -2.56
CA ALA A 199 7.84 -13.99 -1.31
C ALA A 199 7.59 -15.50 -1.30
N TYR A 200 8.05 -16.15 -0.24
CA TYR A 200 7.92 -17.61 -0.13
C TYR A 200 6.84 -18.02 0.86
N ALA A 201 6.14 -17.01 1.35
CA ALA A 201 5.04 -17.21 2.27
C ALA A 201 3.92 -16.25 1.88
N THR A 202 2.67 -16.65 2.08
CA THR A 202 1.54 -15.80 1.78
C THR A 202 1.75 -14.42 2.41
N ARG A 203 1.74 -13.38 1.59
CA ARG A 203 1.98 -12.00 2.06
C ARG A 203 0.85 -11.06 1.68
N TYR A 204 0.20 -10.50 2.70
CA TYR A 204 -0.91 -9.57 2.51
C TYR A 204 -0.55 -8.13 2.78
N ALA A 205 -1.16 -7.23 2.04
CA ALA A 205 -0.94 -5.80 2.20
C ALA A 205 -2.19 -5.12 1.69
N ILE A 206 -2.47 -3.92 2.17
CA ILE A 206 -3.64 -3.16 1.73
C ILE A 206 -3.15 -1.78 1.34
N THR A 207 -3.36 -1.42 0.08
CA THR A 207 -2.90 -0.13 -0.45
C THR A 207 -4.00 0.87 -0.80
N VAL A 208 -3.73 2.12 -0.48
CA VAL A 208 -4.61 3.23 -0.77
C VAL A 208 -3.74 4.38 -1.26
N TRP A 209 -4.10 4.99 -2.39
CA TRP A 209 -3.34 6.12 -2.92
C TRP A 209 -4.15 7.40 -2.74
N TYR A 210 -3.49 8.44 -2.24
CA TYR A 210 -4.14 9.72 -2.03
C TYR A 210 -3.84 10.63 -3.21
N PHE A 211 -4.87 11.33 -3.65
CA PHE A 211 -4.76 12.24 -4.80
C PHE A 211 -4.50 13.68 -4.44
N ASP A 212 -3.63 14.32 -5.21
CA ASP A 212 -3.38 15.73 -5.03
C ASP A 212 -4.38 16.41 -6.00
N ALA A 213 -5.23 17.28 -5.48
CA ALA A 213 -6.25 17.97 -6.28
C ALA A 213 -5.81 18.58 -7.62
N ASP A 214 -4.66 19.26 -7.64
CA ASP A 214 -4.21 19.89 -8.87
C ASP A 214 -3.66 18.90 -9.89
N GLU A 215 -2.77 18.00 -9.46
CA GLU A 215 -2.20 17.03 -10.40
C GLU A 215 -3.34 16.21 -11.03
N ARG A 216 -4.30 15.82 -10.20
CA ARG A 216 -5.45 15.04 -10.64
C ARG A 216 -6.34 15.81 -11.60
N ALA A 217 -6.63 17.06 -11.25
CA ALA A 217 -7.50 17.90 -12.06
C ALA A 217 -7.02 18.10 -13.50
N ARG A 218 -5.71 18.12 -13.72
CA ARG A 218 -5.16 18.32 -15.06
C ARG A 218 -4.70 17.01 -15.70
N ALA A 219 -4.84 15.92 -14.97
CA ALA A 219 -4.43 14.60 -15.43
C ALA A 219 -4.86 14.24 -16.85
N LYS A 220 -6.06 14.63 -17.25
CA LYS A 220 -6.54 14.29 -18.58
C LYS A 220 -6.24 15.30 -19.70
N VAL A 221 -5.47 16.34 -19.41
CA VAL A 221 -5.16 17.35 -20.44
C VAL A 221 -3.68 17.79 -20.48
N LYS A 222 -2.84 17.24 -19.63
CA LYS A 222 -1.43 17.61 -19.61
C LYS A 222 -0.56 16.77 -20.53
N MET B 11 -10.07 6.61 -15.89
CA MET B 11 -8.97 6.58 -14.87
C MET B 11 -9.43 6.01 -13.54
N ASP B 12 -8.54 6.05 -12.54
CA ASP B 12 -8.85 5.54 -11.20
C ASP B 12 -10.05 6.25 -10.62
N ASP B 13 -10.92 5.49 -9.95
CA ASP B 13 -12.08 6.10 -9.33
C ASP B 13 -11.52 6.91 -8.17
N ASP B 14 -12.16 8.04 -7.90
CA ASP B 14 -11.71 8.93 -6.84
C ASP B 14 -12.77 9.08 -5.77
N PHE B 15 -12.39 8.87 -4.52
CA PHE B 15 -13.31 9.02 -3.39
C PHE B 15 -12.88 10.22 -2.55
N GLN B 16 -13.86 11.02 -2.16
CA GLN B 16 -13.63 12.25 -1.40
C GLN B 16 -13.14 12.19 0.05
N LEU B 17 -12.72 11.03 0.51
CA LEU B 17 -12.23 10.88 1.89
C LEU B 17 -13.34 10.87 2.92
#